data_1NOS
#
_entry.id   1NOS
#
_cell.length_a   63.000
_cell.length_b   73.800
_cell.length_c   92.800
_cell.angle_alpha   90.00
_cell.angle_beta   90.00
_cell.angle_gamma   90.00
#
_symmetry.space_group_name_H-M   'P 21 21 21'
#
loop_
_entity.id
_entity.type
_entity.pdbx_description
1 polymer 'INDUCIBLE NITRIC OXIDE SYNTHASE'
2 non-polymer 'PROTOPORPHYRIN IX CONTAINING FE'
3 non-polymer IMIDAZOLE
4 water water
#
_entity_poly.entity_id   1
_entity_poly.type   'polypeptide(L)'
_entity_poly.pdbx_seq_one_letter_code
;NPKSLTRGPRDKPTPLEELLPHAIEFINQYYGSFKEAKIEEHLARLEAVTKEIETTGTYQLTLDELIFATKMAWRNAPRC
IGRIQWSNLQVFDARNCSTAQEMFQHICRHILYATNNGNIRSAITVFPQRSDGKHDFRLWNSQLIRYAGYQMPDGTIRGD
AATLEFTQLCIDLGWKPRYGRFDVLPLVLQADGQDPEVFEIPPDLVLEVTMEHPKYEWFQELGLKWYALPAVANMLLEVG
GLEFPACPFNGWYMGTEIGVRDFCDTQRYNILEEVGRRMGLETHTLASLWKDRAVTEINVAVLHSFQKQNVTIMDHHTAS
ESFMKHMQNEYRARGGCPADWIWLVPPVSGSITPVFHQEMLNYVLSPFYYYQIEPWKTHIWQNEHHHH
;
_entity_poly.pdbx_strand_id   A
#
# COMPACT_ATOMS: atom_id res chain seq x y z
N ASN A 1 9.38 -20.14 16.67
CA ASN A 1 9.35 -20.04 15.21
C ASN A 1 8.51 -18.91 14.58
N PRO A 2 7.78 -18.11 15.39
CA PRO A 2 7.01 -17.04 14.74
C PRO A 2 7.95 -16.11 13.99
N LYS A 3 7.60 -15.72 12.78
CA LYS A 3 8.48 -14.85 12.01
C LYS A 3 8.14 -13.34 12.10
N SER A 4 9.16 -12.51 11.90
CA SER A 4 8.98 -11.05 11.94
C SER A 4 8.15 -10.56 10.75
N LEU A 5 7.18 -9.70 11.03
CA LEU A 5 6.32 -9.14 9.99
C LEU A 5 6.92 -7.87 9.39
N THR A 6 8.11 -7.52 9.85
CA THR A 6 8.81 -6.32 9.39
C THR A 6 10.06 -6.68 8.61
N ARG A 7 10.32 -5.91 7.54
CA ARG A 7 11.50 -6.09 6.70
C ARG A 7 12.14 -4.72 6.60
N GLY A 8 13.26 -4.55 7.29
CA GLY A 8 13.96 -3.28 7.32
C GLY A 8 14.84 -2.91 6.16
N PRO A 9 15.59 -1.81 6.28
CA PRO A 9 16.52 -1.29 5.26
C PRO A 9 17.76 -2.14 5.06
N ARG A 10 18.46 -1.87 3.96
CA ARG A 10 19.70 -2.53 3.60
C ARG A 10 20.65 -1.41 3.15
N ASP A 11 21.95 -1.72 3.11
CA ASP A 11 22.94 -0.73 2.68
C ASP A 11 23.91 -1.32 1.66
N LYS A 12 23.52 -2.47 1.10
CA LYS A 12 24.30 -3.15 0.07
C LYS A 12 23.40 -4.21 -0.57
N PRO A 13 23.66 -4.55 -1.85
CA PRO A 13 22.84 -5.54 -2.55
C PRO A 13 22.77 -6.88 -1.83
N THR A 14 21.65 -7.57 -2.01
CA THR A 14 21.46 -8.88 -1.41
C THR A 14 22.54 -9.75 -2.04
N PRO A 15 23.30 -10.49 -1.22
CA PRO A 15 24.35 -11.37 -1.75
C PRO A 15 23.77 -12.48 -2.62
N LEU A 16 24.51 -12.90 -3.64
CA LEU A 16 24.07 -13.94 -4.56
C LEU A 16 23.64 -15.23 -3.90
N GLU A 17 24.48 -15.78 -3.03
CA GLU A 17 24.15 -17.04 -2.36
C GLU A 17 22.84 -16.96 -1.58
N GLU A 18 22.40 -15.74 -1.28
CA GLU A 18 21.15 -15.54 -0.57
C GLU A 18 19.98 -15.33 -1.54
N LEU A 19 20.22 -14.55 -2.59
CA LEU A 19 19.20 -14.25 -3.60
C LEU A 19 18.77 -15.44 -4.47
N LEU A 20 19.75 -16.19 -5.02
CA LEU A 20 19.47 -17.33 -5.90
C LEU A 20 18.44 -18.37 -5.42
N PRO A 21 18.62 -18.95 -4.23
CA PRO A 21 17.67 -19.94 -3.73
C PRO A 21 16.25 -19.38 -3.69
N HIS A 22 16.14 -18.11 -3.34
CA HIS A 22 14.87 -17.43 -3.25
C HIS A 22 14.24 -17.20 -4.62
N ALA A 23 15.06 -16.80 -5.58
CA ALA A 23 14.61 -16.56 -6.95
C ALA A 23 14.14 -17.89 -7.53
N ILE A 24 15.00 -18.91 -7.42
CA ILE A 24 14.71 -20.25 -7.90
C ILE A 24 13.38 -20.76 -7.34
N GLU A 25 13.17 -20.54 -6.05
CA GLU A 25 11.92 -20.98 -5.42
C GLU A 25 10.71 -20.22 -5.95
N PHE A 26 10.86 -18.93 -6.21
CA PHE A 26 9.73 -18.17 -6.73
C PHE A 26 9.37 -18.69 -8.11
N ILE A 27 10.38 -18.83 -8.96
CA ILE A 27 10.18 -19.33 -10.30
C ILE A 27 9.46 -20.67 -10.25
N ASN A 28 9.71 -21.45 -9.20
CA ASN A 28 9.06 -22.76 -9.05
C ASN A 28 7.60 -22.60 -8.69
N GLN A 29 7.29 -21.65 -7.79
CA GLN A 29 5.90 -21.42 -7.41
C GLN A 29 5.15 -20.94 -8.63
N TYR A 30 5.77 -19.99 -9.34
CA TYR A 30 5.21 -19.40 -10.54
C TYR A 30 4.85 -20.45 -11.59
N TYR A 31 5.83 -21.28 -11.96
CA TYR A 31 5.57 -22.33 -12.95
C TYR A 31 4.80 -23.51 -12.37
N GLY A 32 4.67 -23.54 -11.05
CA GLY A 32 3.93 -24.58 -10.37
C GLY A 32 2.44 -24.44 -10.58
N SER A 33 1.96 -23.21 -10.78
CA SER A 33 0.53 -22.96 -11.02
C SER A 33 0.12 -23.70 -12.29
N PHE A 34 1.11 -23.95 -13.15
CA PHE A 34 0.93 -24.71 -14.39
C PHE A 34 1.37 -26.12 -13.98
N LYS A 35 0.42 -27.04 -13.93
CA LYS A 35 0.66 -28.42 -13.52
C LYS A 35 1.82 -29.16 -14.23
N GLU A 36 1.52 -29.89 -15.30
CA GLU A 36 2.59 -30.60 -16.04
C GLU A 36 3.07 -29.84 -17.28
N ALA A 37 2.47 -28.67 -17.53
CA ALA A 37 2.83 -27.85 -18.68
C ALA A 37 3.89 -26.81 -18.38
N LYS A 38 4.61 -26.42 -19.43
CA LYS A 38 5.66 -25.41 -19.37
C LYS A 38 6.95 -25.84 -18.66
N ILE A 39 7.32 -27.11 -18.73
CA ILE A 39 8.55 -27.57 -18.08
C ILE A 39 9.80 -26.97 -18.76
N GLU A 40 9.85 -26.98 -20.09
CA GLU A 40 10.98 -26.40 -20.81
C GLU A 40 11.00 -24.88 -20.56
N GLU A 41 9.81 -24.31 -20.42
CA GLU A 41 9.66 -22.88 -20.16
C GLU A 41 10.24 -22.56 -18.78
N HIS A 42 9.95 -23.44 -17.82
CA HIS A 42 10.42 -23.30 -16.44
C HIS A 42 11.96 -23.30 -16.39
N LEU A 43 12.58 -24.28 -17.04
CA LEU A 43 14.02 -24.39 -17.08
C LEU A 43 14.71 -23.24 -17.79
N ALA A 44 14.12 -22.79 -18.90
CA ALA A 44 14.69 -21.67 -19.64
C ALA A 44 14.69 -20.40 -18.79
N ARG A 45 13.66 -20.24 -17.96
CA ARG A 45 13.54 -19.06 -17.09
C ARG A 45 14.57 -19.09 -15.95
N LEU A 46 14.82 -20.26 -15.39
CA LEU A 46 15.81 -20.42 -14.31
C LEU A 46 17.20 -20.06 -14.82
N GLU A 47 17.51 -20.53 -16.03
CA GLU A 47 18.79 -20.27 -16.67
C GLU A 47 18.97 -18.78 -16.89
N ALA A 48 17.93 -18.14 -17.39
CA ALA A 48 17.97 -16.71 -17.66
C ALA A 48 18.10 -15.92 -16.37
N VAL A 49 17.31 -16.31 -15.36
CA VAL A 49 17.33 -15.65 -14.06
C VAL A 49 18.68 -15.79 -13.36
N THR A 50 19.26 -17.00 -13.41
CA THR A 50 20.55 -17.26 -12.80
C THR A 50 21.65 -16.46 -13.49
N LYS A 51 21.60 -16.44 -14.82
CA LYS A 51 22.57 -15.70 -15.62
C LYS A 51 22.53 -14.22 -15.24
N GLU A 52 21.33 -13.67 -15.07
CA GLU A 52 21.15 -12.27 -14.71
C GLU A 52 21.72 -11.93 -13.35
N ILE A 53 21.41 -12.78 -12.36
CA ILE A 53 21.86 -12.57 -10.99
C ILE A 53 23.38 -12.61 -10.89
N GLU A 54 24.00 -13.52 -11.64
CA GLU A 54 25.44 -13.65 -11.64
C GLU A 54 26.17 -12.53 -12.36
N THR A 55 25.53 -11.96 -13.38
CA THR A 55 26.13 -10.88 -14.13
C THR A 55 25.78 -9.47 -13.63
N THR A 56 24.58 -9.29 -13.09
CA THR A 56 24.16 -7.97 -12.61
C THR A 56 23.97 -7.86 -11.12
N GLY A 57 23.96 -8.98 -10.43
CA GLY A 57 23.78 -8.97 -8.99
C GLY A 57 22.32 -8.97 -8.58
N THR A 58 21.42 -9.05 -9.56
CA THR A 58 19.98 -9.08 -9.31
C THR A 58 19.26 -9.57 -10.57
N TYR A 59 17.93 -9.43 -10.59
CA TYR A 59 17.14 -9.84 -11.75
C TYR A 59 15.81 -9.10 -11.82
N GLN A 60 15.22 -9.08 -13.00
CA GLN A 60 13.94 -8.42 -13.22
C GLN A 60 12.83 -9.43 -13.41
N LEU A 61 11.70 -9.19 -12.77
CA LEU A 61 10.56 -10.08 -12.92
C LEU A 61 9.88 -9.74 -14.24
N THR A 62 9.11 -10.68 -14.80
CA THR A 62 8.36 -10.39 -16.01
C THR A 62 7.06 -9.77 -15.51
N LEU A 63 6.33 -9.09 -16.36
CA LEU A 63 5.08 -8.46 -15.96
C LEU A 63 4.16 -9.53 -15.36
N ASP A 64 4.11 -10.70 -16.00
CA ASP A 64 3.27 -11.77 -15.50
C ASP A 64 3.70 -12.35 -14.16
N GLU A 65 5.01 -12.41 -13.94
CA GLU A 65 5.54 -12.89 -12.66
C GLU A 65 5.17 -11.86 -11.59
N LEU A 66 5.33 -10.58 -11.91
CA LEU A 66 4.99 -9.53 -10.96
C LEU A 66 3.52 -9.62 -10.60
N ILE A 67 2.66 -9.76 -11.60
CA ILE A 67 1.22 -9.85 -11.37
C ILE A 67 0.89 -11.00 -10.44
N PHE A 68 1.47 -12.17 -10.74
CA PHE A 68 1.28 -13.38 -9.93
C PHE A 68 1.73 -13.13 -8.49
N ALA A 69 2.87 -12.47 -8.33
CA ALA A 69 3.44 -12.18 -7.02
C ALA A 69 2.59 -11.26 -6.15
N THR A 70 2.08 -10.17 -6.73
CA THR A 70 1.25 -9.23 -5.99
C THR A 70 -0.01 -9.94 -5.49
N LYS A 71 -0.52 -10.87 -6.30
CA LYS A 71 -1.73 -11.62 -5.95
C LYS A 71 -1.46 -12.73 -4.91
N MET A 72 -0.29 -13.37 -5.02
CA MET A 72 0.09 -14.42 -4.08
C MET A 72 0.41 -13.79 -2.72
N ALA A 73 1.05 -12.63 -2.75
CA ALA A 73 1.37 -11.91 -1.52
C ALA A 73 0.06 -11.48 -0.84
N TRP A 74 -0.95 -11.15 -1.64
CA TRP A 74 -2.25 -10.74 -1.09
C TRP A 74 -2.89 -11.97 -0.49
N ARG A 75 -2.81 -13.08 -1.21
CA ARG A 75 -3.37 -14.34 -0.75
C ARG A 75 -2.72 -14.76 0.58
N ASN A 76 -1.42 -14.48 0.70
CA ASN A 76 -0.66 -14.83 1.90
C ASN A 76 -0.82 -13.86 3.07
N ALA A 77 -1.61 -12.79 2.88
CA ALA A 77 -1.84 -11.82 3.94
C ALA A 77 -2.81 -12.44 4.95
N PRO A 78 -2.29 -12.89 6.10
CA PRO A 78 -3.04 -13.54 7.19
C PRO A 78 -4.31 -12.86 7.69
N ARG A 79 -4.18 -11.58 8.04
CA ARG A 79 -5.31 -10.79 8.57
C ARG A 79 -6.22 -10.14 7.53
N CYS A 80 -5.85 -10.19 6.26
CA CYS A 80 -6.69 -9.57 5.23
C CYS A 80 -7.95 -10.37 4.90
N ILE A 81 -9.10 -9.76 5.16
CA ILE A 81 -10.40 -10.38 4.88
C ILE A 81 -10.70 -10.40 3.37
N GLY A 82 -10.19 -9.41 2.65
CA GLY A 82 -10.41 -9.34 1.21
C GLY A 82 -9.60 -10.32 0.36
N ARG A 83 -8.61 -10.96 0.97
CA ARG A 83 -7.75 -11.92 0.27
C ARG A 83 -8.55 -13.11 -0.30
N ILE A 84 -9.79 -13.24 0.14
CA ILE A 84 -10.69 -14.30 -0.29
C ILE A 84 -10.92 -14.21 -1.80
N GLN A 85 -10.81 -13.00 -2.34
CA GLN A 85 -10.99 -12.76 -3.77
C GLN A 85 -9.73 -12.15 -4.40
N TRP A 86 -8.58 -12.70 -4.01
CA TRP A 86 -7.26 -12.25 -4.46
C TRP A 86 -7.01 -12.10 -5.97
N SER A 87 -7.86 -12.67 -6.82
CA SER A 87 -7.66 -12.55 -8.26
C SER A 87 -8.15 -11.19 -8.77
N ASN A 88 -9.02 -10.56 -8.00
CA ASN A 88 -9.57 -9.25 -8.36
C ASN A 88 -8.61 -8.11 -8.01
N LEU A 89 -7.45 -8.10 -8.65
CA LEU A 89 -6.46 -7.06 -8.40
C LEU A 89 -5.89 -6.48 -9.69
N GLN A 90 -5.91 -5.15 -9.79
CA GLN A 90 -5.38 -4.48 -10.95
C GLN A 90 -3.96 -4.03 -10.63
N VAL A 91 -3.00 -4.44 -11.45
CA VAL A 91 -1.60 -4.09 -11.23
C VAL A 91 -1.10 -2.99 -12.17
N PHE A 92 -0.46 -1.99 -11.59
CA PHE A 92 0.12 -0.89 -12.37
C PHE A 92 1.64 -0.99 -12.23
N ASP A 93 2.30 -1.26 -13.35
CA ASP A 93 3.74 -1.42 -13.38
C ASP A 93 4.50 -0.10 -13.49
N ALA A 94 5.04 0.37 -12.37
CA ALA A 94 5.80 1.63 -12.33
C ALA A 94 7.26 1.39 -12.04
N ARG A 95 7.76 0.21 -12.36
CA ARG A 95 9.15 -0.15 -12.11
C ARG A 95 10.20 0.65 -12.87
N ASN A 96 9.73 1.49 -13.81
CA ASN A 96 10.62 2.34 -14.60
C ASN A 96 10.51 3.80 -14.10
N CYS A 97 9.92 3.98 -12.92
CA CYS A 97 9.78 5.29 -12.31
C CYS A 97 11.15 5.80 -11.89
N SER A 98 11.38 7.11 -12.01
CA SER A 98 12.68 7.68 -11.65
C SER A 98 12.62 8.85 -10.66
N THR A 99 11.57 9.66 -10.76
CA THR A 99 11.43 10.84 -9.89
C THR A 99 10.17 10.83 -9.03
N ALA A 100 10.18 11.70 -8.03
CA ALA A 100 9.04 11.84 -7.13
C ALA A 100 7.87 12.40 -7.90
N GLN A 101 8.16 13.21 -8.92
CA GLN A 101 7.12 13.80 -9.76
C GLN A 101 6.38 12.71 -10.51
N GLU A 102 7.12 11.74 -11.02
CA GLU A 102 6.53 10.61 -11.74
C GLU A 102 5.74 9.74 -10.75
N MET A 103 6.25 9.58 -9.53
CA MET A 103 5.57 8.81 -8.49
C MET A 103 4.20 9.44 -8.27
N PHE A 104 4.19 10.78 -8.19
CA PHE A 104 2.97 11.54 -7.98
C PHE A 104 1.92 11.25 -9.06
N GLN A 105 2.35 11.22 -10.31
CA GLN A 105 1.43 10.94 -11.41
C GLN A 105 0.88 9.53 -11.35
N HIS A 106 1.76 8.57 -11.04
CA HIS A 106 1.36 7.17 -10.92
C HIS A 106 0.33 7.02 -9.79
N ILE A 107 0.54 7.74 -8.69
CA ILE A 107 -0.37 7.68 -7.55
C ILE A 107 -1.70 8.31 -7.92
N CYS A 108 -1.66 9.41 -8.68
CA CYS A 108 -2.87 10.07 -9.13
C CYS A 108 -3.70 9.09 -9.99
N ARG A 109 -3.03 8.35 -10.89
CA ARG A 109 -3.71 7.36 -11.74
C ARG A 109 -4.33 6.26 -10.89
N HIS A 110 -3.58 5.80 -9.90
CA HIS A 110 -4.02 4.75 -8.99
C HIS A 110 -5.28 5.21 -8.27
N ILE A 111 -5.22 6.39 -7.64
CA ILE A 111 -6.35 6.92 -6.91
C ILE A 111 -7.56 7.06 -7.80
N LEU A 112 -7.32 7.57 -9.00
CA LEU A 112 -8.37 7.78 -9.99
C LEU A 112 -9.02 6.46 -10.44
N TYR A 113 -8.19 5.45 -10.72
CA TYR A 113 -8.70 4.14 -11.14
C TYR A 113 -9.46 3.41 -10.04
N ALA A 114 -8.84 3.35 -8.86
CA ALA A 114 -9.41 2.66 -7.71
C ALA A 114 -10.69 3.27 -7.18
N THR A 115 -10.75 4.60 -7.12
CA THR A 115 -11.94 5.29 -6.62
C THR A 115 -13.10 4.96 -7.54
N ASN A 116 -12.87 5.13 -8.85
CA ASN A 116 -13.87 4.81 -9.86
C ASN A 116 -15.21 5.40 -9.50
N ASN A 117 -15.20 6.67 -9.13
CA ASN A 117 -16.41 7.40 -8.75
C ASN A 117 -17.26 6.70 -7.68
N GLY A 118 -16.66 5.83 -6.88
CA GLY A 118 -17.40 5.13 -5.85
C GLY A 118 -17.41 3.62 -5.96
N ASN A 119 -17.39 3.11 -7.19
CA ASN A 119 -17.40 1.66 -7.45
C ASN A 119 -15.94 1.21 -7.33
N ILE A 120 -15.47 1.17 -6.08
CA ILE A 120 -14.09 0.83 -5.74
C ILE A 120 -13.51 -0.40 -6.42
N ARG A 121 -12.31 -0.24 -6.96
CA ARG A 121 -11.59 -1.32 -7.61
C ARG A 121 -10.23 -1.49 -6.95
N SER A 122 -9.88 -2.73 -6.60
CA SER A 122 -8.62 -3.03 -5.96
C SER A 122 -7.44 -2.94 -6.93
N ALA A 123 -6.42 -2.21 -6.51
CA ALA A 123 -5.22 -2.02 -7.31
C ALA A 123 -3.95 -1.87 -6.48
N ILE A 124 -2.82 -2.07 -7.14
CA ILE A 124 -1.52 -1.91 -6.52
C ILE A 124 -0.57 -1.36 -7.58
N THR A 125 0.21 -0.36 -7.19
CA THR A 125 1.18 0.25 -8.09
C THR A 125 2.55 -0.16 -7.58
N VAL A 126 3.31 -0.85 -8.43
CA VAL A 126 4.63 -1.32 -8.03
C VAL A 126 5.76 -0.45 -8.57
N PHE A 127 6.44 0.23 -7.67
CA PHE A 127 7.56 1.10 -8.03
C PHE A 127 8.84 0.27 -8.13
N PRO A 128 9.99 0.89 -8.49
CA PRO A 128 11.25 0.14 -8.60
C PRO A 128 11.68 -0.66 -7.37
N GLN A 129 12.25 -1.83 -7.63
CA GLN A 129 12.73 -2.72 -6.57
C GLN A 129 13.99 -2.15 -5.93
N ARG A 130 14.21 -2.52 -4.67
CA ARG A 130 15.39 -2.08 -3.95
C ARG A 130 16.63 -2.61 -4.65
N SER A 131 17.58 -1.72 -4.90
CA SER A 131 18.84 -2.10 -5.55
C SER A 131 19.90 -2.31 -4.46
N ASP A 132 20.61 -1.24 -4.10
CA ASP A 132 21.62 -1.35 -3.07
C ASP A 132 21.06 -0.98 -1.70
N GLY A 133 19.83 -0.48 -1.68
CA GLY A 133 19.21 -0.10 -0.40
C GLY A 133 19.43 1.37 -0.10
N LYS A 134 20.23 2.04 -0.92
CA LYS A 134 20.50 3.46 -0.72
C LYS A 134 19.68 4.30 -1.68
N HIS A 135 19.02 3.63 -2.62
CA HIS A 135 18.20 4.30 -3.64
C HIS A 135 16.74 3.87 -3.57
N ASP A 136 16.26 3.69 -2.35
CA ASP A 136 14.89 3.26 -2.10
C ASP A 136 13.81 4.24 -2.53
N PHE A 137 12.73 3.68 -3.04
CA PHE A 137 11.55 4.45 -3.41
C PHE A 137 10.65 4.18 -2.21
N ARG A 138 10.08 5.23 -1.62
CA ARG A 138 9.21 5.07 -0.47
C ARG A 138 8.14 6.11 -0.43
N LEU A 139 6.97 5.71 0.06
CA LEU A 139 5.88 6.65 0.27
C LEU A 139 5.96 6.78 1.81
N TRP A 140 6.14 7.99 2.31
CA TRP A 140 6.23 8.20 3.75
C TRP A 140 4.87 8.14 4.47
N ASN A 141 3.79 8.26 3.70
CA ASN A 141 2.43 8.19 4.22
C ASN A 141 2.11 6.77 4.65
N SER A 142 1.16 6.63 5.56
CA SER A 142 0.72 5.32 6.01
C SER A 142 -0.34 4.86 5.00
N GLN A 143 -1.14 5.82 4.53
CA GLN A 143 -2.20 5.60 3.53
C GLN A 143 -2.11 6.71 2.49
N LEU A 144 -2.57 6.42 1.27
CA LEU A 144 -2.55 7.44 0.20
C LEU A 144 -3.40 8.64 0.61
N ILE A 145 -4.60 8.36 1.11
CA ILE A 145 -5.52 9.37 1.56
C ILE A 145 -5.76 9.18 3.06
N ARG A 146 -5.46 10.21 3.84
CA ARG A 146 -5.64 10.15 5.28
C ARG A 146 -5.76 11.58 5.80
N TYR A 147 -6.45 11.77 6.92
CA TYR A 147 -6.62 13.09 7.52
C TYR A 147 -5.51 13.43 8.49
N ALA A 148 -5.18 14.72 8.58
CA ALA A 148 -4.13 15.21 9.46
C ALA A 148 -4.54 15.12 10.92
N GLY A 149 -3.54 14.96 11.79
CA GLY A 149 -3.79 14.88 13.22
C GLY A 149 -3.05 16.01 13.89
N TYR A 150 -3.81 16.87 14.56
CA TYR A 150 -3.23 18.03 15.23
C TYR A 150 -3.26 17.96 16.74
N GLN A 151 -2.11 18.21 17.36
CA GLN A 151 -1.98 18.20 18.81
C GLN A 151 -2.64 19.45 19.38
N MET A 152 -3.32 19.28 20.51
CA MET A 152 -4.01 20.39 21.15
C MET A 152 -3.42 20.76 22.51
N PRO A 153 -3.66 22.00 22.97
CA PRO A 153 -3.17 22.51 24.25
C PRO A 153 -3.47 21.59 25.45
N ASP A 154 -4.70 21.07 25.49
CA ASP A 154 -5.12 20.20 26.59
C ASP A 154 -4.73 18.73 26.42
N GLY A 155 -4.03 18.42 25.32
CA GLY A 155 -3.61 17.07 25.07
C GLY A 155 -4.58 16.28 24.20
N THR A 156 -5.61 16.94 23.70
CA THR A 156 -6.58 16.26 22.84
C THR A 156 -6.17 16.28 21.37
N ILE A 157 -7.01 15.66 20.56
CA ILE A 157 -6.83 15.52 19.12
C ILE A 157 -7.79 16.41 18.32
N ARG A 158 -7.38 16.73 17.09
CA ARG A 158 -8.21 17.44 16.13
C ARG A 158 -7.73 16.87 14.81
N GLY A 159 -8.51 15.95 14.29
CA GLY A 159 -8.20 15.27 13.04
C GLY A 159 -8.08 13.79 13.33
N ASP A 160 -7.10 13.15 12.71
CA ASP A 160 -6.87 11.73 12.91
C ASP A 160 -5.70 11.56 13.86
N ALA A 161 -5.97 11.00 15.04
CA ALA A 161 -4.94 10.80 16.05
C ALA A 161 -3.73 9.99 15.55
N ALA A 162 -4.00 8.92 14.82
CA ALA A 162 -2.94 8.04 14.30
C ALA A 162 -1.89 8.71 13.41
N THR A 163 -2.13 9.96 13.02
CA THR A 163 -1.18 10.66 12.15
C THR A 163 -0.44 11.80 12.83
N LEU A 164 -0.34 11.77 14.15
CA LEU A 164 0.36 12.83 14.87
C LEU A 164 1.80 13.05 14.44
N GLU A 165 2.59 11.98 14.41
CA GLU A 165 4.00 12.07 13.99
C GLU A 165 4.16 12.53 12.56
N PHE A 166 3.42 11.89 11.66
CA PHE A 166 3.46 12.20 10.24
C PHE A 166 2.98 13.64 9.97
N THR A 167 1.85 14.02 10.55
CA THR A 167 1.31 15.38 10.37
C THR A 167 2.38 16.41 10.71
N GLN A 168 3.05 16.20 11.84
CA GLN A 168 4.10 17.11 12.30
C GLN A 168 5.24 17.13 11.31
N LEU A 169 5.55 15.96 10.76
CA LEU A 169 6.62 15.82 9.79
C LEU A 169 6.31 16.64 8.53
N CYS A 170 5.05 16.66 8.13
CA CYS A 170 4.62 17.41 6.94
C CYS A 170 4.84 18.89 7.16
N ILE A 171 4.40 19.36 8.33
CA ILE A 171 4.54 20.76 8.71
C ILE A 171 6.02 21.11 8.72
N ASP A 172 6.83 20.20 9.23
CA ASP A 172 8.28 20.39 9.28
C ASP A 172 8.89 20.44 7.88
N LEU A 173 8.24 19.78 6.92
CA LEU A 173 8.73 19.75 5.55
C LEU A 173 8.24 20.90 4.69
N GLY A 174 7.56 21.87 5.32
CA GLY A 174 7.07 23.03 4.61
C GLY A 174 5.56 23.13 4.42
N TRP A 175 4.86 22.00 4.52
CA TRP A 175 3.42 21.96 4.34
C TRP A 175 2.67 22.90 5.29
N LYS A 176 1.78 23.74 4.73
CA LYS A 176 0.97 24.68 5.51
C LYS A 176 -0.29 24.02 6.06
N PRO A 177 -0.35 23.85 7.39
CA PRO A 177 -1.49 23.22 8.07
C PRO A 177 -2.71 24.06 8.37
N ARG A 178 -3.86 23.61 7.89
CA ARG A 178 -5.12 24.25 8.17
C ARG A 178 -5.46 23.43 9.43
N TYR A 179 -6.30 23.92 10.33
CA TYR A 179 -6.55 23.11 11.54
C TYR A 179 -7.91 22.47 11.68
N GLY A 180 -8.43 21.94 10.58
CA GLY A 180 -9.73 21.29 10.61
C GLY A 180 -9.66 19.83 11.03
N ARG A 181 -10.84 19.21 11.12
CA ARG A 181 -10.95 17.81 11.50
C ARG A 181 -10.76 16.88 10.31
N PHE A 182 -10.89 17.40 9.10
CA PHE A 182 -10.76 16.59 7.89
C PHE A 182 -9.79 17.13 6.84
N ASP A 183 -8.55 17.37 7.25
CA ASP A 183 -7.56 17.88 6.30
C ASP A 183 -6.79 16.74 5.66
N VAL A 184 -6.96 16.55 4.36
CA VAL A 184 -6.25 15.50 3.66
C VAL A 184 -4.76 15.82 3.60
N LEU A 185 -3.95 14.92 4.15
CA LEU A 185 -2.50 15.09 4.18
C LEU A 185 -1.92 15.02 2.77
N PRO A 186 -0.78 15.69 2.54
CA PRO A 186 -0.15 15.67 1.22
C PRO A 186 0.64 14.38 1.07
N LEU A 187 1.13 14.13 -0.13
CA LEU A 187 1.92 12.95 -0.38
C LEU A 187 3.38 13.31 -0.16
N VAL A 188 4.05 12.52 0.67
CA VAL A 188 5.46 12.75 0.95
C VAL A 188 6.16 11.60 0.22
N LEU A 189 6.69 11.92 -0.96
CA LEU A 189 7.33 10.93 -1.82
C LEU A 189 8.84 10.96 -1.92
N GLN A 190 9.42 9.78 -1.81
CA GLN A 190 10.85 9.61 -1.89
C GLN A 190 11.16 8.75 -3.10
N ALA A 191 12.01 9.27 -3.98
CA ALA A 191 12.39 8.56 -5.19
C ALA A 191 13.90 8.40 -5.24
N ASP A 192 14.35 7.20 -5.60
CA ASP A 192 15.76 6.89 -5.72
C ASP A 192 16.60 7.18 -4.47
N GLY A 193 16.01 7.06 -3.29
CA GLY A 193 16.74 7.30 -2.06
C GLY A 193 16.97 8.75 -1.69
N GLN A 194 16.38 9.67 -2.44
CA GLN A 194 16.54 11.10 -2.18
C GLN A 194 15.61 11.60 -1.08
N ASP A 195 15.81 12.85 -0.66
CA ASP A 195 14.96 13.44 0.36
C ASP A 195 13.55 13.45 -0.24
N PRO A 196 12.53 13.28 0.61
CA PRO A 196 11.15 13.27 0.16
C PRO A 196 10.65 14.63 -0.30
N GLU A 197 9.70 14.63 -1.23
CA GLU A 197 9.10 15.86 -1.74
C GLU A 197 7.63 15.80 -1.38
N VAL A 198 7.07 16.96 -1.07
CA VAL A 198 5.66 17.04 -0.67
C VAL A 198 4.76 17.41 -1.85
N PHE A 199 3.65 16.70 -1.99
CA PHE A 199 2.71 16.96 -3.08
C PHE A 199 1.29 16.93 -2.57
N GLU A 200 0.59 18.04 -2.75
CA GLU A 200 -0.80 18.13 -2.33
C GLU A 200 -1.61 17.22 -3.27
N ILE A 201 -2.57 16.49 -2.73
CA ILE A 201 -3.39 15.62 -3.57
C ILE A 201 -4.53 16.46 -4.14
N PRO A 202 -4.69 16.46 -5.48
CA PRO A 202 -5.77 17.24 -6.09
C PRO A 202 -7.13 16.91 -5.47
N PRO A 203 -7.78 17.91 -4.85
CA PRO A 203 -9.08 17.69 -4.22
C PRO A 203 -10.08 16.83 -4.99
N ASP A 204 -10.15 17.00 -6.30
CA ASP A 204 -11.09 16.23 -7.14
C ASP A 204 -10.92 14.71 -7.00
N LEU A 205 -9.69 14.27 -6.74
CA LEU A 205 -9.36 12.85 -6.60
C LEU A 205 -9.79 12.22 -5.29
N VAL A 206 -10.10 13.03 -4.30
CA VAL A 206 -10.50 12.53 -3.00
C VAL A 206 -12.01 12.46 -2.82
N LEU A 207 -12.54 11.26 -2.96
CA LEU A 207 -13.97 11.04 -2.78
C LEU A 207 -14.24 10.85 -1.29
N GLU A 208 -15.24 11.56 -0.77
CA GLU A 208 -15.59 11.46 0.63
C GLU A 208 -17.06 11.18 0.85
N VAL A 209 -17.35 10.42 1.90
CA VAL A 209 -18.73 10.05 2.24
C VAL A 209 -19.14 10.87 3.46
N THR A 210 -20.29 11.53 3.35
CA THR A 210 -20.81 12.35 4.45
C THR A 210 -21.62 11.54 5.45
N MET A 211 -21.09 11.42 6.66
CA MET A 211 -21.73 10.67 7.74
C MET A 211 -22.84 11.45 8.43
N GLU A 221 -25.86 19.71 12.61
CA GLU A 221 -24.64 18.91 12.60
C GLU A 221 -24.70 17.65 13.45
N LEU A 222 -23.90 16.69 13.01
CA LEU A 222 -23.63 15.41 13.64
C LEU A 222 -22.12 15.67 13.47
N GLY A 223 -21.80 16.08 12.24
CA GLY A 223 -20.46 16.49 11.85
C GLY A 223 -19.39 15.61 11.28
N LEU A 224 -19.71 14.64 10.44
CA LEU A 224 -18.64 13.77 9.99
C LEU A 224 -18.59 13.36 8.52
N LYS A 225 -17.36 13.11 8.06
CA LYS A 225 -17.05 12.68 6.69
C LYS A 225 -15.99 11.60 6.82
N TRP A 226 -15.63 11.00 5.70
CA TRP A 226 -14.58 10.00 5.65
C TRP A 226 -14.34 9.64 4.21
N TYR A 227 -13.06 9.57 3.84
CA TYR A 227 -12.68 9.22 2.49
C TYR A 227 -13.11 7.80 2.15
N ALA A 228 -13.48 7.61 0.89
CA ALA A 228 -13.95 6.34 0.36
C ALA A 228 -12.87 5.33 0.06
N LEU A 229 -11.64 5.79 -0.16
CA LEU A 229 -10.55 4.91 -0.51
C LEU A 229 -9.52 4.57 0.57
N PRO A 230 -9.52 3.30 1.04
CA PRO A 230 -8.57 2.85 2.06
C PRO A 230 -7.35 2.30 1.30
N ALA A 231 -6.29 3.08 1.23
CA ALA A 231 -5.10 2.66 0.51
C ALA A 231 -3.82 2.64 1.33
N VAL A 232 -3.28 1.44 1.58
CA VAL A 232 -2.04 1.28 2.35
C VAL A 232 -0.86 1.65 1.46
N ALA A 233 -0.10 2.64 1.88
CA ALA A 233 1.03 3.17 1.12
C ALA A 233 2.43 2.78 1.60
N ASN A 234 2.53 2.22 2.79
CA ASN A 234 3.84 1.92 3.39
C ASN A 234 4.39 0.52 3.50
N MET A 235 3.79 -0.45 2.82
CA MET A 235 4.32 -1.80 2.92
C MET A 235 5.35 -2.17 1.85
N LEU A 236 6.06 -3.27 2.09
CA LEU A 236 7.11 -3.74 1.20
C LEU A 236 6.70 -5.09 0.63
N LEU A 237 6.82 -5.22 -0.68
CA LEU A 237 6.48 -6.47 -1.35
C LEU A 237 7.76 -7.27 -1.53
N GLU A 238 7.75 -8.48 -1.00
CA GLU A 238 8.90 -9.35 -1.11
C GLU A 238 8.46 -10.46 -2.06
N VAL A 239 9.33 -10.79 -3.01
CA VAL A 239 9.05 -11.84 -3.99
C VAL A 239 10.36 -12.36 -4.57
N GLY A 240 10.59 -13.66 -4.40
CA GLY A 240 11.80 -14.29 -4.91
C GLY A 240 13.12 -13.63 -4.52
N GLY A 241 13.19 -13.08 -3.31
CA GLY A 241 14.41 -12.42 -2.85
C GLY A 241 14.44 -10.94 -3.14
N LEU A 242 13.59 -10.48 -4.05
CA LEU A 242 13.52 -9.07 -4.40
C LEU A 242 12.60 -8.33 -3.43
N GLU A 243 12.88 -7.05 -3.21
CA GLU A 243 12.09 -6.26 -2.30
C GLU A 243 11.62 -4.97 -2.97
N PHE A 244 10.33 -4.67 -2.84
CA PHE A 244 9.73 -3.46 -3.40
C PHE A 244 9.20 -2.63 -2.24
N PRO A 245 9.99 -1.63 -1.77
CA PRO A 245 9.68 -0.72 -0.66
C PRO A 245 8.50 0.23 -0.93
N ALA A 246 8.22 0.44 -2.20
CA ALA A 246 7.13 1.32 -2.62
C ALA A 246 6.17 0.52 -3.50
N CYS A 247 5.00 0.19 -2.95
CA CYS A 247 3.98 -0.57 -3.66
C CYS A 247 2.59 -0.33 -3.06
N PRO A 248 2.10 0.93 -3.13
CA PRO A 248 0.78 1.23 -2.57
C PRO A 248 -0.31 0.37 -3.19
N PHE A 249 -1.23 -0.09 -2.33
CA PHE A 249 -2.36 -0.91 -2.76
C PHE A 249 -3.62 -0.50 -2.02
N ASN A 250 -4.77 -0.93 -2.54
CA ASN A 250 -6.04 -0.58 -1.90
C ASN A 250 -7.07 -1.65 -2.10
N GLY A 251 -8.12 -1.55 -1.30
CA GLY A 251 -9.26 -2.45 -1.38
C GLY A 251 -10.40 -1.49 -1.07
N TRP A 252 -11.40 -1.98 -0.36
CA TRP A 252 -12.51 -1.13 0.06
C TRP A 252 -12.75 -1.38 1.53
N TYR A 253 -13.40 -0.44 2.21
CA TYR A 253 -13.67 -0.58 3.63
C TYR A 253 -14.59 -1.73 4.00
N MET A 254 -14.54 -2.10 5.28
CA MET A 254 -15.37 -3.15 5.84
C MET A 254 -16.63 -2.48 6.39
N GLY A 255 -16.45 -1.27 6.90
CA GLY A 255 -17.57 -0.54 7.47
C GLY A 255 -17.44 -0.45 8.98
N THR A 256 -16.89 -1.50 9.57
CA THR A 256 -16.69 -1.53 11.01
C THR A 256 -15.65 -0.47 11.40
N GLU A 257 -14.46 -0.67 10.85
CA GLU A 257 -13.24 0.09 11.08
C GLU A 257 -13.04 1.58 10.82
N ILE A 258 -13.84 2.25 9.98
CA ILE A 258 -13.56 3.67 9.69
C ILE A 258 -13.16 4.46 10.95
N GLY A 259 -11.84 4.58 11.11
CA GLY A 259 -11.23 5.22 12.26
C GLY A 259 -11.70 6.59 12.72
N VAL A 260 -12.93 6.66 13.20
CA VAL A 260 -13.48 7.92 13.70
C VAL A 260 -12.97 8.11 15.14
N ARG A 261 -11.64 8.13 15.26
CA ARG A 261 -10.95 8.34 16.51
C ARG A 261 -10.83 9.85 16.71
N ASP A 262 -11.72 10.57 16.03
CA ASP A 262 -11.81 12.02 16.11
C ASP A 262 -12.86 12.08 17.20
N PHE A 263 -12.49 11.90 18.46
CA PHE A 263 -13.58 11.89 19.43
C PHE A 263 -13.67 12.43 20.86
N CYS A 264 -14.95 12.49 21.19
CA CYS A 264 -15.63 12.90 22.41
C CYS A 264 -17.03 12.42 21.99
N ASP A 265 -17.04 11.62 20.92
CA ASP A 265 -18.20 11.03 20.24
C ASP A 265 -19.12 10.15 21.07
N THR A 266 -18.97 10.17 22.39
CA THR A 266 -19.84 9.40 23.28
C THR A 266 -21.26 9.93 23.01
N GLN A 267 -21.30 11.09 22.36
CA GLN A 267 -22.51 11.79 21.94
C GLN A 267 -23.42 10.88 21.14
N ASP A 292 -28.89 -2.51 27.47
CA ASP A 292 -27.55 -2.88 26.99
C ASP A 292 -26.55 -2.97 28.14
N ARG A 293 -25.29 -3.18 27.75
CA ARG A 293 -24.19 -3.21 28.73
C ARG A 293 -23.55 -1.81 28.76
N ALA A 294 -22.56 -1.54 27.90
CA ALA A 294 -21.91 -0.22 27.88
C ALA A 294 -21.17 0.12 26.57
N VAL A 295 -20.22 -0.73 26.19
CA VAL A 295 -19.45 -0.55 24.95
C VAL A 295 -20.38 -0.91 23.79
N THR A 296 -21.31 0.00 23.50
CA THR A 296 -22.32 -0.18 22.45
C THR A 296 -22.23 0.81 21.27
N GLU A 297 -21.10 1.53 21.16
CA GLU A 297 -20.92 2.47 20.06
C GLU A 297 -20.73 1.69 18.77
N ILE A 298 -21.83 1.56 18.02
CA ILE A 298 -21.89 0.82 16.75
C ILE A 298 -21.24 1.47 15.53
N ASN A 299 -21.42 0.82 14.37
CA ASN A 299 -20.91 1.29 13.08
C ASN A 299 -22.08 1.15 12.09
N VAL A 300 -23.16 1.86 12.37
CA VAL A 300 -24.37 1.82 11.54
C VAL A 300 -24.49 2.89 10.46
N ALA A 301 -24.52 4.16 10.85
CA ALA A 301 -24.65 5.28 9.90
C ALA A 301 -23.59 5.22 8.80
N VAL A 302 -22.54 4.46 9.05
CA VAL A 302 -21.44 4.26 8.11
C VAL A 302 -21.91 3.29 7.02
N LEU A 303 -22.43 2.15 7.46
CA LEU A 303 -22.93 1.10 6.58
C LEU A 303 -23.96 1.65 5.59
N HIS A 304 -24.87 2.47 6.10
CA HIS A 304 -25.92 3.07 5.30
C HIS A 304 -25.44 4.27 4.44
N SER A 305 -24.67 5.18 5.04
CA SER A 305 -24.16 6.35 4.33
C SER A 305 -23.35 6.00 3.08
N PHE A 306 -22.50 4.99 3.20
CA PHE A 306 -21.69 4.55 2.08
C PHE A 306 -22.57 3.94 0.99
N GLN A 307 -23.54 3.13 1.41
CA GLN A 307 -24.46 2.47 0.49
C GLN A 307 -25.35 3.43 -0.28
N LYS A 308 -25.84 4.47 0.40
CA LYS A 308 -26.73 5.46 -0.22
C LYS A 308 -25.97 6.46 -1.08
N GLN A 309 -24.65 6.50 -0.89
CA GLN A 309 -23.78 7.36 -1.70
C GLN A 309 -23.06 6.49 -2.71
N ASN A 310 -23.53 5.25 -2.85
CA ASN A 310 -23.01 4.25 -3.77
C ASN A 310 -21.49 4.07 -3.79
N VAL A 311 -20.91 3.86 -2.61
CA VAL A 311 -19.49 3.63 -2.47
C VAL A 311 -19.32 2.23 -1.88
N THR A 312 -18.58 1.39 -2.61
CA THR A 312 -18.33 0.01 -2.22
C THR A 312 -17.78 -0.16 -0.80
N ILE A 313 -18.49 -0.97 -0.03
CA ILE A 313 -18.14 -1.30 1.34
C ILE A 313 -18.30 -2.84 1.38
N MET A 314 -17.59 -3.52 2.28
CA MET A 314 -17.70 -4.96 2.33
C MET A 314 -18.96 -5.46 3.06
N ASP A 315 -20.13 -5.22 2.46
CA ASP A 315 -21.37 -5.71 3.02
C ASP A 315 -21.58 -7.11 2.43
N HIS A 316 -22.72 -7.75 2.71
CA HIS A 316 -22.94 -9.09 2.17
C HIS A 316 -23.01 -9.18 0.66
N HIS A 317 -23.63 -8.18 0.03
CA HIS A 317 -23.77 -8.13 -1.42
C HIS A 317 -22.38 -8.11 -2.08
N THR A 318 -21.54 -7.19 -1.65
CA THR A 318 -20.20 -7.04 -2.18
C THR A 318 -19.33 -8.26 -1.93
N ALA A 319 -19.42 -8.83 -0.72
CA ALA A 319 -18.65 -10.04 -0.37
C ALA A 319 -19.01 -11.15 -1.35
N SER A 320 -20.31 -11.30 -1.57
CA SER A 320 -20.85 -12.32 -2.46
C SER A 320 -20.48 -12.05 -3.93
N GLU A 321 -20.68 -10.80 -4.36
CA GLU A 321 -20.36 -10.43 -5.74
C GLU A 321 -18.88 -10.52 -6.09
N SER A 322 -18.02 -10.02 -5.19
CA SER A 322 -16.58 -10.07 -5.42
C SER A 322 -16.04 -11.50 -5.37
N PHE A 323 -16.69 -12.37 -4.61
CA PHE A 323 -16.27 -13.76 -4.53
C PHE A 323 -16.65 -14.42 -5.86
N MET A 324 -17.82 -14.03 -6.38
CA MET A 324 -18.30 -14.54 -7.66
C MET A 324 -17.32 -14.18 -8.79
N LYS A 325 -16.87 -12.92 -8.80
CA LYS A 325 -15.93 -12.43 -9.81
C LYS A 325 -14.63 -13.19 -9.69
N HIS A 326 -14.23 -13.47 -8.45
CA HIS A 326 -13.02 -14.21 -8.17
C HIS A 326 -13.11 -15.63 -8.72
N MET A 327 -14.26 -16.28 -8.51
CA MET A 327 -14.48 -17.64 -8.98
C MET A 327 -14.60 -17.80 -10.50
N GLN A 328 -15.04 -16.73 -11.17
CA GLN A 328 -15.18 -16.74 -12.63
C GLN A 328 -13.80 -16.64 -13.29
N ASN A 329 -12.86 -16.00 -12.61
CA ASN A 329 -11.48 -15.86 -13.13
C ASN A 329 -10.78 -17.22 -13.12
N GLU A 330 -11.27 -18.11 -12.26
CA GLU A 330 -10.75 -19.48 -12.11
C GLU A 330 -10.93 -20.32 -13.37
N TYR A 331 -12.12 -20.21 -13.98
CA TYR A 331 -12.45 -20.96 -15.19
C TYR A 331 -11.48 -20.69 -16.33
CA VAL A 364 8.78 -18.22 5.45
C VAL A 364 7.68 -18.30 4.40
N LEU A 365 6.78 -17.32 4.42
CA LEU A 365 5.71 -17.22 3.44
C LEU A 365 6.18 -16.20 2.40
N SER A 366 6.25 -16.63 1.14
CA SER A 366 6.71 -15.78 0.05
C SER A 366 5.88 -16.08 -1.20
N PRO A 367 5.45 -15.05 -1.96
CA PRO A 367 5.64 -13.61 -1.77
C PRO A 367 4.91 -13.13 -0.53
N PHE A 368 5.23 -11.93 -0.06
CA PHE A 368 4.60 -11.43 1.15
C PHE A 368 4.67 -9.91 1.29
N TYR A 369 3.67 -9.34 1.93
CA TYR A 369 3.65 -7.90 2.19
C TYR A 369 4.17 -7.68 3.62
N TYR A 370 5.30 -7.02 3.73
CA TYR A 370 5.93 -6.72 5.01
C TYR A 370 5.74 -5.28 5.45
N TYR A 371 5.80 -5.08 6.77
CA TYR A 371 5.72 -3.74 7.34
C TYR A 371 7.16 -3.21 7.29
N GLN A 372 7.34 -1.90 7.43
CA GLN A 372 8.67 -1.31 7.38
C GLN A 372 8.88 -0.34 8.52
N ILE A 373 10.13 0.04 8.77
CA ILE A 373 10.43 1.02 9.82
C ILE A 373 10.11 2.39 9.21
N GLU A 374 9.31 3.20 9.89
CA GLU A 374 8.94 4.53 9.40
C GLU A 374 10.18 5.25 8.87
N PRO A 375 10.16 5.64 7.59
CA PRO A 375 11.25 6.32 6.88
C PRO A 375 11.92 7.53 7.53
N TRP A 376 11.15 8.37 8.21
CA TRP A 376 11.77 9.52 8.85
C TRP A 376 12.72 9.11 9.97
N LYS A 377 12.54 7.90 10.48
CA LYS A 377 13.38 7.38 11.56
C LYS A 377 14.69 6.81 11.04
N THR A 378 14.74 6.51 9.74
CA THR A 378 15.94 5.91 9.14
C THR A 378 16.58 6.70 8.00
N HIS A 379 15.90 7.74 7.53
CA HIS A 379 16.41 8.53 6.41
C HIS A 379 17.67 9.37 6.65
N ILE A 380 18.67 9.16 5.78
CA ILE A 380 19.93 9.89 5.83
C ILE A 380 19.75 11.15 4.99
N TRP A 381 19.32 12.22 5.64
CA TRP A 381 19.08 13.50 4.95
C TRP A 381 20.24 14.04 4.12
N GLN A 382 19.90 14.61 2.97
CA GLN A 382 20.89 15.20 2.08
C GLN A 382 21.06 16.65 2.48
N ASN A 383 20.00 17.45 2.34
CA ASN A 383 20.04 18.87 2.68
C ASN A 383 18.67 19.55 2.67
N GLU A 384 17.84 19.18 1.69
CA GLU A 384 16.49 19.74 1.49
C GLU A 384 15.57 19.84 2.73
N HIS A 385 14.55 20.70 2.60
CA HIS A 385 13.51 20.96 3.64
C HIS A 385 13.95 20.92 5.11
N HIS A 386 14.17 22.10 5.70
CA HIS A 386 14.62 22.18 7.09
C HIS A 386 13.62 22.00 8.22
N HIS A 387 14.14 21.35 9.26
CA HIS A 387 13.42 20.91 10.46
C HIS A 387 12.74 19.71 9.83
N HIS A 388 13.58 18.72 9.62
CA HIS A 388 13.29 17.44 8.98
C HIS A 388 12.31 16.55 9.71
#